data_4PQH
#
_entry.id   4PQH
#
_cell.length_a   33.009
_cell.length_b   45.835
_cell.length_c   66.739
_cell.angle_alpha   91.53
_cell.angle_beta   102.43
_cell.angle_gamma   96.26
#
_symmetry.space_group_name_H-M   'P 1'
#
loop_
_entity.id
_entity.type
_entity.pdbx_description
1 polymer 'glutathione transferase lambda1'
2 non-polymer GLUTATHIONE
3 non-polymer 'SODIUM ION'
4 water water
#
_entity_poly.entity_id   1
_entity_poly.type   'polypeptide(L)'
_entity_poly.pdbx_seq_one_letter_code
;MATGSGKEVLPPVLTSNSEPPPVFDGTTRLYISYTCPYAQRVWITRNCKGLQDKIKLVPIDLQDRPAWYKEKVYPPNKVP
SLEHNNEVKGESLDLIKYIDSHFDGPSLFPDDPAKKEFAEDLFSYTGSFSKANNSTFKGEADEAGAAFDYIETALSKFDD
GPFFLGQFSLVDIAYAPFIERFQPALLEFKKYDITAGRPKLAAWIEEMNKVEAYNQTRHEPKQHVETYKKRFAAHL
;
_entity_poly.pdbx_strand_id   A,B
#
loop_
_chem_comp.id
_chem_comp.type
_chem_comp.name
_chem_comp.formula
GSH non-polymer GLUTATHIONE 'C10 H17 N3 O6 S'
NA non-polymer 'SODIUM ION' 'Na 1'
#
# COMPACT_ATOMS: atom_id res chain seq x y z
N GLU A 8 0.38 33.10 5.66
CA GLU A 8 -0.73 32.49 4.93
C GLU A 8 -1.74 31.83 5.86
N VAL A 9 -3.02 32.01 5.57
CA VAL A 9 -4.07 31.31 6.29
C VAL A 9 -4.47 30.07 5.49
N LEU A 10 -4.30 28.90 6.09
CA LEU A 10 -4.74 27.65 5.48
C LEU A 10 -6.25 27.53 5.62
N PRO A 11 -6.95 27.28 4.52
CA PRO A 11 -8.43 27.30 4.53
C PRO A 11 -9.04 26.05 5.16
N PRO A 12 -10.35 26.11 5.49
CA PRO A 12 -10.96 24.94 6.12
C PRO A 12 -11.13 23.75 5.19
N VAL A 13 -11.11 22.55 5.77
CA VAL A 13 -11.35 21.32 5.02
C VAL A 13 -12.82 21.21 4.56
N LEU A 14 -13.02 20.93 3.27
CA LEU A 14 -14.36 20.80 2.72
C LEU A 14 -14.84 19.36 2.78
N THR A 15 -16.09 19.17 3.18
CA THR A 15 -16.61 17.83 3.39
C THR A 15 -17.80 17.55 2.48
N SER A 16 -18.47 16.42 2.71
CA SER A 16 -19.64 16.07 1.91
C SER A 16 -20.75 17.09 2.08
N ASN A 17 -20.71 17.86 3.16
CA ASN A 17 -21.72 18.86 3.44
C ASN A 17 -21.34 20.26 2.97
N SER A 18 -20.22 20.36 2.25
N SER A 18 -20.22 20.36 2.24
CA SER A 18 -19.74 21.65 1.77
CA SER A 18 -19.74 21.64 1.75
C SER A 18 -20.35 22.01 0.42
C SER A 18 -20.38 22.01 0.41
N GLU A 19 -20.59 23.30 0.21
CA GLU A 19 -21.07 23.77 -1.07
C GLU A 19 -19.89 23.84 -2.03
N PRO A 20 -20.14 23.64 -3.33
CA PRO A 20 -19.05 23.60 -4.30
C PRO A 20 -18.45 24.98 -4.56
N PRO A 21 -17.14 25.03 -4.81
CA PRO A 21 -16.46 26.27 -5.19
C PRO A 21 -16.82 26.61 -6.63
N PRO A 22 -16.53 27.84 -7.06
N PRO A 22 -16.44 27.81 -7.13
CA PRO A 22 -16.65 28.12 -8.49
CA PRO A 22 -16.73 28.19 -8.53
C PRO A 22 -15.70 27.19 -9.20
C PRO A 22 -15.73 27.64 -9.55
N VAL A 23 -16.13 26.62 -10.31
CA VAL A 23 -15.21 25.90 -11.18
C VAL A 23 -15.04 26.62 -12.52
N PHE A 24 -13.79 26.79 -12.91
CA PHE A 24 -13.44 27.48 -14.16
C PHE A 24 -13.86 28.95 -14.19
N ASP A 25 -13.71 29.63 -13.05
CA ASP A 25 -14.00 31.06 -12.99
C ASP A 25 -12.75 31.90 -13.25
N GLY A 26 -11.64 31.24 -13.52
CA GLY A 26 -10.39 31.92 -13.80
C GLY A 26 -9.38 31.84 -12.67
N THR A 27 -9.85 31.49 -11.48
CA THR A 27 -8.97 31.28 -10.34
C THR A 27 -8.29 29.92 -10.45
N THR A 28 -7.00 29.88 -10.13
CA THR A 28 -6.27 28.61 -10.09
C THR A 28 -6.48 27.94 -8.73
N ARG A 29 -6.92 26.68 -8.75
CA ARG A 29 -7.17 25.94 -7.52
CA ARG A 29 -7.16 25.94 -7.52
C ARG A 29 -6.39 24.64 -7.50
N LEU A 30 -5.75 24.36 -6.37
CA LEU A 30 -5.05 23.10 -6.16
C LEU A 30 -5.84 22.29 -5.14
N TYR A 31 -6.45 21.20 -5.60
CA TYR A 31 -7.27 20.37 -4.72
C TYR A 31 -6.39 19.34 -4.01
N ILE A 32 -6.44 19.35 -2.68
CA ILE A 32 -5.57 18.52 -1.88
C ILE A 32 -6.31 17.87 -0.74
N SER A 33 -5.63 16.94 -0.08
CA SER A 33 -5.95 16.54 1.27
C SER A 33 -4.74 16.97 2.07
N TYR A 34 -4.95 17.53 3.26
CA TYR A 34 -3.84 18.04 4.06
C TYR A 34 -2.80 16.97 4.45
N THR A 35 -3.21 15.70 4.42
CA THR A 35 -2.30 14.63 4.81
C THR A 35 -1.86 13.71 3.67
N CYS A 36 -2.26 14.01 2.44
CA CYS A 36 -1.88 13.18 1.30
C CYS A 36 -0.47 13.52 0.81
N PRO A 37 0.43 12.53 0.79
CA PRO A 37 1.80 12.86 0.34
C PRO A 37 1.90 13.21 -1.16
N TYR A 38 1.05 12.63 -1.99
CA TYR A 38 1.04 12.98 -3.41
C TYR A 38 0.65 14.44 -3.59
N ALA A 39 -0.36 14.87 -2.85
CA ALA A 39 -0.80 16.26 -2.89
C ALA A 39 0.25 17.18 -2.30
N GLN A 40 0.95 16.72 -1.26
CA GLN A 40 1.99 17.51 -0.64
C GLN A 40 3.10 17.85 -1.64
N ARG A 41 3.42 16.93 -2.54
CA ARG A 41 4.40 17.23 -3.61
C ARG A 41 4.05 18.52 -4.33
N VAL A 42 2.78 18.66 -4.65
CA VAL A 42 2.34 19.79 -5.48
C VAL A 42 2.24 21.06 -4.63
N TRP A 43 1.78 20.90 -3.40
CA TRP A 43 1.73 21.99 -2.44
C TRP A 43 3.14 22.56 -2.20
N ILE A 44 4.13 21.69 -2.01
CA ILE A 44 5.52 22.14 -1.86
C ILE A 44 5.97 22.90 -3.09
N THR A 45 5.63 22.41 -4.28
CA THR A 45 6.03 23.09 -5.51
C THR A 45 5.47 24.51 -5.58
N ARG A 46 4.19 24.64 -5.30
CA ARG A 46 3.53 25.94 -5.17
C ARG A 46 4.29 26.87 -4.23
N ASN A 47 4.61 26.40 -3.03
CA ASN A 47 5.26 27.26 -2.05
C ASN A 47 6.67 27.63 -2.47
N CYS A 48 7.41 26.66 -2.99
CA CYS A 48 8.80 26.90 -3.37
C CYS A 48 8.90 27.92 -4.49
N LYS A 49 7.85 28.07 -5.28
CA LYS A 49 7.84 29.03 -6.36
C LYS A 49 7.19 30.36 -5.96
N GLY A 50 6.80 30.48 -4.69
CA GLY A 50 6.18 31.70 -4.20
C GLY A 50 4.78 31.96 -4.76
N LEU A 51 4.03 30.88 -5.00
CA LEU A 51 2.75 30.99 -5.70
C LEU A 51 1.54 30.93 -4.77
N GLN A 52 1.75 31.24 -3.49
CA GLN A 52 0.67 31.15 -2.52
C GLN A 52 -0.51 32.05 -2.85
N ASP A 53 -0.24 33.21 -3.45
CA ASP A 53 -1.30 34.14 -3.83
C ASP A 53 -1.89 33.86 -5.20
N LYS A 54 -1.26 32.95 -5.94
N LYS A 54 -1.26 32.94 -5.93
CA LYS A 54 -1.74 32.62 -7.28
CA LYS A 54 -1.68 32.61 -7.29
C LYS A 54 -2.51 31.31 -7.32
C LYS A 54 -2.48 31.32 -7.33
N ILE A 55 -2.16 30.40 -6.43
CA ILE A 55 -2.79 29.09 -6.41
C ILE A 55 -3.53 28.88 -5.10
N LYS A 56 -4.85 28.80 -5.18
CA LYS A 56 -5.67 28.64 -3.99
C LYS A 56 -5.75 27.17 -3.58
N LEU A 57 -5.51 26.92 -2.29
CA LEU A 57 -5.66 25.56 -1.76
C LEU A 57 -7.13 25.24 -1.53
N VAL A 58 -7.55 24.08 -2.01
CA VAL A 58 -8.88 23.56 -1.71
C VAL A 58 -8.75 22.18 -1.07
N PRO A 59 -8.70 22.15 0.27
CA PRO A 59 -8.54 20.87 0.96
C PRO A 59 -9.88 20.16 1.14
N ILE A 60 -9.88 18.86 0.86
CA ILE A 60 -11.06 18.06 1.06
C ILE A 60 -10.76 16.92 2.02
N ASP A 61 -11.81 16.36 2.61
CA ASP A 61 -11.72 15.27 3.56
C ASP A 61 -12.01 13.99 2.78
N LEU A 62 -11.01 13.15 2.58
CA LEU A 62 -11.20 11.97 1.74
C LEU A 62 -12.12 10.89 2.36
N GLN A 63 -12.35 10.97 3.67
CA GLN A 63 -13.24 10.02 4.32
C GLN A 63 -14.68 10.51 4.30
N ASP A 64 -14.85 11.80 4.10
CA ASP A 64 -16.17 12.43 4.06
C ASP A 64 -16.14 13.49 2.97
N ARG A 65 -15.99 13.05 1.72
CA ARG A 65 -15.67 13.99 0.66
C ARG A 65 -16.89 14.51 -0.08
N PRO A 66 -16.79 15.75 -0.59
CA PRO A 66 -17.87 16.36 -1.36
C PRO A 66 -18.09 15.61 -2.68
N ALA A 67 -19.35 15.28 -2.95
CA ALA A 67 -19.71 14.60 -4.18
C ALA A 67 -19.39 15.48 -5.39
N TRP A 68 -19.42 16.79 -5.20
CA TRP A 68 -19.13 17.72 -6.29
C TRP A 68 -17.71 17.62 -6.82
N TYR A 69 -16.81 16.99 -6.05
CA TYR A 69 -15.43 16.87 -6.49
C TYR A 69 -15.36 15.94 -7.71
N LYS A 70 -15.88 14.72 -7.54
CA LYS A 70 -15.90 13.77 -8.64
C LYS A 70 -16.83 14.25 -9.76
N GLU A 71 -17.92 14.91 -9.39
CA GLU A 71 -18.95 15.28 -10.34
C GLU A 71 -18.65 16.55 -11.13
N LYS A 72 -17.97 17.51 -10.51
CA LYS A 72 -17.79 18.81 -11.15
C LYS A 72 -16.34 19.21 -11.38
N VAL A 73 -15.43 18.60 -10.64
CA VAL A 73 -14.03 19.01 -10.68
C VAL A 73 -13.12 17.97 -11.31
N TYR A 74 -13.07 16.78 -10.73
CA TYR A 74 -12.10 15.77 -11.13
C TYR A 74 -12.69 14.36 -11.05
N PRO A 75 -13.22 13.86 -12.17
CA PRO A 75 -13.84 12.53 -12.24
C PRO A 75 -13.02 11.34 -11.68
N PRO A 76 -11.69 11.29 -11.88
CA PRO A 76 -10.96 10.17 -11.27
C PRO A 76 -11.04 10.12 -9.74
N ASN A 77 -11.51 11.21 -9.13
CA ASN A 77 -11.84 11.24 -7.71
C ASN A 77 -10.66 10.92 -6.81
N LYS A 78 -9.52 11.53 -7.13
CA LYS A 78 -8.34 11.45 -6.29
C LYS A 78 -7.73 12.83 -6.15
N VAL A 79 -6.92 13.03 -5.11
CA VAL A 79 -6.11 14.25 -4.98
C VAL A 79 -4.65 13.88 -5.15
N PRO A 80 -3.82 14.81 -5.67
CA PRO A 80 -4.15 16.19 -6.06
C PRO A 80 -4.72 16.30 -7.47
N SER A 81 -5.41 17.40 -7.70
CA SER A 81 -5.73 17.85 -9.05
C SER A 81 -5.56 19.37 -9.09
N LEU A 82 -5.27 19.88 -10.28
CA LEU A 82 -5.01 21.29 -10.47
C LEU A 82 -5.97 21.84 -11.50
N GLU A 83 -6.75 22.84 -11.10
CA GLU A 83 -7.65 23.57 -11.98
C GLU A 83 -6.93 24.83 -12.42
N HIS A 84 -6.65 24.92 -13.72
CA HIS A 84 -5.90 26.04 -14.26
C HIS A 84 -6.23 26.19 -15.73
N ASN A 85 -6.55 27.40 -16.15
CA ASN A 85 -6.84 27.70 -17.55
C ASN A 85 -7.86 26.75 -18.18
N ASN A 86 -8.99 26.56 -17.52
CA ASN A 86 -10.09 25.75 -18.05
C ASN A 86 -9.74 24.28 -18.29
N GLU A 87 -8.83 23.75 -17.48
CA GLU A 87 -8.53 22.34 -17.53
C GLU A 87 -8.25 21.90 -16.09
N VAL A 88 -8.75 20.73 -15.73
CA VAL A 88 -8.36 20.12 -14.47
C VAL A 88 -7.45 18.95 -14.80
N LYS A 89 -6.28 18.93 -14.19
CA LYS A 89 -5.27 17.92 -14.48
C LYS A 89 -4.90 17.22 -13.19
N GLY A 90 -4.59 15.94 -13.29
CA GLY A 90 -4.15 15.17 -12.13
C GLY A 90 -2.74 14.64 -12.31
N GLU A 91 -2.37 13.72 -11.41
CA GLU A 91 -1.07 13.05 -11.35
C GLU A 91 0.03 13.95 -10.78
N SER A 92 0.38 13.70 -9.52
CA SER A 92 1.32 14.55 -8.79
C SER A 92 2.63 14.86 -9.52
N LEU A 93 3.25 13.85 -10.12
CA LEU A 93 4.51 14.06 -10.83
C LEU A 93 4.33 14.92 -12.08
N ASP A 94 3.24 14.70 -12.81
CA ASP A 94 2.91 15.55 -13.94
C ASP A 94 2.68 16.99 -13.46
N LEU A 95 1.99 17.13 -12.34
CA LEU A 95 1.60 18.44 -11.83
C LEU A 95 2.77 19.28 -11.34
N ILE A 96 3.73 18.66 -10.65
CA ILE A 96 4.88 19.44 -10.20
C ILE A 96 5.68 19.95 -11.41
N LYS A 97 5.79 19.13 -12.45
CA LYS A 97 6.43 19.59 -13.69
C LYS A 97 5.63 20.69 -14.37
N TYR A 98 4.32 20.54 -14.38
CA TYR A 98 3.42 21.50 -15.01
C TYR A 98 3.48 22.86 -14.31
N ILE A 99 3.36 22.87 -12.99
CA ILE A 99 3.42 24.11 -12.25
C ILE A 99 4.78 24.79 -12.44
N ASP A 100 5.84 23.99 -12.42
CA ASP A 100 7.18 24.54 -12.57
C ASP A 100 7.35 25.29 -13.89
N SER A 101 6.63 24.84 -14.92
CA SER A 101 6.82 25.34 -16.27
C SER A 101 5.70 26.24 -16.78
N HIS A 102 4.75 26.58 -15.91
CA HIS A 102 3.63 27.40 -16.32
C HIS A 102 3.32 28.53 -15.37
N PHE A 103 4.18 28.71 -14.37
CA PHE A 103 4.00 29.78 -13.40
C PHE A 103 5.33 30.46 -13.14
N ASP A 104 5.26 31.68 -12.62
CA ASP A 104 6.45 32.44 -12.27
C ASP A 104 7.11 31.86 -11.01
N GLY A 105 8.25 32.41 -10.64
CA GLY A 105 9.00 31.94 -9.48
C GLY A 105 10.25 31.22 -9.95
N PRO A 106 11.15 30.89 -9.02
CA PRO A 106 12.39 30.21 -9.38
C PRO A 106 12.16 28.89 -10.10
N SER A 107 12.98 28.61 -11.10
CA SER A 107 12.90 27.34 -11.80
C SER A 107 13.36 26.21 -10.89
N LEU A 108 12.58 25.14 -10.85
CA LEU A 108 12.92 23.98 -10.04
C LEU A 108 13.39 22.78 -10.87
N PHE A 109 13.89 23.04 -12.08
CA PHE A 109 14.40 21.95 -12.89
C PHE A 109 15.58 22.46 -13.72
N PRO A 110 16.72 21.76 -13.68
CA PRO A 110 17.93 22.24 -14.34
C PRO A 110 17.89 22.05 -15.84
N ASP A 111 18.72 22.80 -16.53
CA ASP A 111 18.83 22.74 -17.99
C ASP A 111 19.78 21.65 -18.47
N ASP A 112 20.73 21.27 -17.62
CA ASP A 112 21.77 20.34 -18.02
C ASP A 112 21.16 19.00 -18.40
N PRO A 113 21.40 18.57 -19.65
CA PRO A 113 20.81 17.32 -20.13
C PRO A 113 21.17 16.11 -19.28
N ALA A 114 22.38 16.04 -18.75
CA ALA A 114 22.78 14.92 -17.91
C ALA A 114 21.98 14.88 -16.61
N LYS A 115 21.72 16.05 -16.04
CA LYS A 115 20.93 16.12 -14.82
C LYS A 115 19.49 15.76 -15.12
N LYS A 116 18.98 16.23 -16.26
N LYS A 116 18.98 16.20 -16.26
CA LYS A 116 17.63 15.88 -16.67
CA LYS A 116 17.62 15.88 -16.65
C LYS A 116 17.46 14.38 -16.82
C LYS A 116 17.43 14.39 -16.88
N GLU A 117 18.45 13.73 -17.45
CA GLU A 117 18.39 12.28 -17.65
CA GLU A 117 18.39 12.28 -17.65
C GLU A 117 18.39 11.52 -16.32
N PHE A 118 19.24 11.95 -15.40
CA PHE A 118 19.32 11.32 -14.10
C PHE A 118 18.01 11.54 -13.35
N ALA A 119 17.44 12.74 -13.51
CA ALA A 119 16.17 13.08 -12.88
C ALA A 119 15.09 12.12 -13.33
N GLU A 120 15.07 11.80 -14.62
CA GLU A 120 14.06 10.88 -15.12
C GLU A 120 14.25 9.48 -14.53
N ASP A 121 15.49 9.05 -14.34
CA ASP A 121 15.77 7.80 -13.64
C ASP A 121 15.18 7.81 -12.23
N LEU A 122 15.31 8.94 -11.54
CA LEU A 122 14.84 9.05 -10.17
C LEU A 122 13.33 9.18 -10.07
N PHE A 123 12.72 9.91 -10.99
CA PHE A 123 11.26 9.94 -11.06
C PHE A 123 10.69 8.53 -11.30
N SER A 124 11.35 7.79 -12.18
CA SER A 124 10.91 6.43 -12.52
C SER A 124 11.03 5.51 -11.32
N TYR A 125 11.97 5.83 -10.43
CA TYR A 125 12.21 4.99 -9.26
C TYR A 125 11.18 5.21 -8.13
N THR A 126 10.39 6.27 -8.20
CA THR A 126 9.49 6.61 -7.09
C THR A 126 8.52 5.49 -6.72
N GLY A 127 7.95 4.82 -7.73
CA GLY A 127 7.06 3.70 -7.47
C GLY A 127 7.73 2.58 -6.70
N SER A 128 8.92 2.20 -7.14
CA SER A 128 9.70 1.15 -6.49
C SER A 128 10.05 1.54 -5.07
N PHE A 129 10.37 2.82 -4.89
CA PHE A 129 10.73 3.33 -3.57
C PHE A 129 9.58 3.15 -2.58
N SER A 130 8.38 3.59 -3.00
CA SER A 130 7.18 3.41 -2.17
C SER A 130 6.88 1.93 -1.93
N LYS A 131 6.97 1.14 -2.99
CA LYS A 131 6.66 -0.28 -2.88
C LYS A 131 7.59 -0.98 -1.89
N ALA A 132 8.88 -0.65 -1.96
CA ALA A 132 9.86 -1.24 -1.06
C ALA A 132 9.56 -0.91 0.41
N ASN A 133 9.22 0.35 0.66
CA ASN A 133 8.90 0.75 2.02
C ASN A 133 7.61 0.12 2.53
N ASN A 134 6.57 0.15 1.70
CA ASN A 134 5.32 -0.48 2.05
C ASN A 134 5.44 -1.98 2.28
N SER A 135 6.26 -2.66 1.47
N SER A 135 6.26 -2.65 1.47
CA SER A 135 6.51 -4.08 1.69
CA SER A 135 6.56 -4.07 1.65
C SER A 135 7.13 -4.32 3.06
C SER A 135 7.13 -4.31 3.05
N THR A 136 7.98 -3.39 3.49
CA THR A 136 8.62 -3.51 4.80
C THR A 136 7.61 -3.32 5.92
N PHE A 137 6.79 -2.28 5.82
CA PHE A 137 5.78 -2.02 6.84
C PHE A 137 4.81 -3.18 6.96
N LYS A 138 4.50 -3.82 5.84
CA LYS A 138 3.53 -4.92 5.82
C LYS A 138 4.16 -6.26 6.21
N GLY A 139 5.47 -6.27 6.40
CA GLY A 139 6.17 -7.49 6.80
C GLY A 139 6.37 -8.51 5.70
N GLU A 140 6.14 -8.10 4.45
CA GLU A 140 6.28 -8.99 3.32
C GLU A 140 7.74 -9.29 2.98
N ALA A 141 8.53 -8.23 2.89
CA ALA A 141 9.96 -8.34 2.63
C ALA A 141 10.63 -7.09 3.16
N ASP A 142 11.81 -7.25 3.73
CA ASP A 142 12.54 -6.11 4.27
C ASP A 142 13.31 -5.41 3.16
N GLU A 143 12.61 -4.59 2.40
CA GLU A 143 13.19 -3.96 1.21
C GLU A 143 13.56 -2.49 1.42
N ALA A 144 13.17 -1.92 2.56
CA ALA A 144 13.40 -0.50 2.80
C ALA A 144 14.88 -0.13 2.79
N GLY A 145 15.72 -0.96 3.40
CA GLY A 145 17.15 -0.71 3.42
C GLY A 145 17.73 -0.58 2.04
N ALA A 146 17.39 -1.53 1.16
CA ALA A 146 17.87 -1.50 -0.23
C ALA A 146 17.39 -0.24 -0.94
N ALA A 147 16.17 0.19 -0.63
CA ALA A 147 15.61 1.37 -1.27
C ALA A 147 16.37 2.61 -0.82
N PHE A 148 16.65 2.69 0.47
CA PHE A 148 17.40 3.84 0.97
C PHE A 148 18.87 3.79 0.57
N ASP A 149 19.40 2.59 0.34
CA ASP A 149 20.72 2.45 -0.25
C ASP A 149 20.75 3.04 -1.66
N TYR A 150 19.69 2.80 -2.43
CA TYR A 150 19.60 3.37 -3.77
C TYR A 150 19.61 4.90 -3.70
N ILE A 151 18.85 5.45 -2.76
CA ILE A 151 18.78 6.88 -2.56
C ILE A 151 20.15 7.46 -2.16
N GLU A 152 20.83 6.78 -1.24
CA GLU A 152 22.14 7.22 -0.77
C GLU A 152 23.13 7.28 -1.93
N THR A 153 23.10 6.24 -2.76
CA THR A 153 23.98 6.18 -3.93
C THR A 153 23.63 7.29 -4.93
N ALA A 154 22.35 7.50 -5.17
CA ALA A 154 21.91 8.55 -6.08
C ALA A 154 22.40 9.93 -5.63
N LEU A 155 22.44 10.15 -4.32
CA LEU A 155 22.90 11.43 -3.78
C LEU A 155 24.40 11.69 -3.97
N SER A 156 25.13 10.67 -4.41
N SER A 156 25.15 10.69 -4.39
CA SER A 156 26.57 10.80 -4.63
CA SER A 156 26.59 10.88 -4.62
C SER A 156 26.89 11.11 -6.09
C SER A 156 26.89 11.19 -6.09
N LYS A 157 25.87 11.15 -6.93
CA LYS A 157 26.04 11.36 -8.37
C LYS A 157 26.54 12.77 -8.74
N PHE A 158 25.88 13.78 -8.20
CA PHE A 158 26.24 15.17 -8.50
C PHE A 158 26.74 15.88 -7.26
N ASP A 159 27.97 16.39 -7.30
CA ASP A 159 28.56 16.97 -6.12
C ASP A 159 28.52 18.50 -6.11
N ASP A 160 27.61 19.09 -6.88
CA ASP A 160 27.49 20.54 -6.88
C ASP A 160 26.39 21.07 -5.95
N GLY A 161 25.90 20.18 -5.08
CA GLY A 161 24.94 20.55 -4.05
C GLY A 161 24.50 19.31 -3.32
N PRO A 162 23.71 19.47 -2.25
CA PRO A 162 23.34 18.35 -1.38
C PRO A 162 22.08 17.61 -1.83
N PHE A 163 21.51 18.04 -2.94
CA PHE A 163 20.23 17.50 -3.41
C PHE A 163 20.45 16.52 -4.55
N PHE A 164 19.37 15.87 -5.00
CA PHE A 164 19.53 14.82 -6.01
C PHE A 164 20.24 15.25 -7.28
N LEU A 165 19.94 16.45 -7.77
CA LEU A 165 20.59 16.97 -8.96
C LEU A 165 21.63 18.03 -8.60
N GLY A 166 22.19 17.93 -7.40
CA GLY A 166 23.11 18.93 -6.89
C GLY A 166 22.30 20.06 -6.26
N GLN A 167 21.89 21.01 -7.09
CA GLN A 167 21.03 22.05 -6.56
CA GLN A 167 21.01 22.09 -6.66
C GLN A 167 19.58 21.56 -6.49
N PHE A 168 18.82 22.19 -5.60
CA PHE A 168 17.43 21.85 -5.30
C PHE A 168 16.55 21.75 -6.56
N SER A 169 15.69 20.73 -6.63
CA SER A 169 14.84 20.54 -7.79
C SER A 169 13.57 19.80 -7.46
N LEU A 170 12.75 19.63 -8.49
CA LEU A 170 11.52 18.85 -8.40
C LEU A 170 11.76 17.44 -7.91
N VAL A 171 12.96 16.90 -8.12
CA VAL A 171 13.23 15.53 -7.68
C VAL A 171 13.20 15.45 -6.16
N ASP A 172 13.80 16.44 -5.50
CA ASP A 172 13.78 16.47 -4.04
C ASP A 172 12.34 16.62 -3.53
N ILE A 173 11.59 17.50 -4.19
CA ILE A 173 10.19 17.71 -3.86
C ILE A 173 9.35 16.42 -4.01
N ALA A 174 9.62 15.65 -5.04
CA ALA A 174 8.89 14.40 -5.28
C ALA A 174 9.07 13.42 -4.12
N TYR A 175 10.29 13.34 -3.60
CA TYR A 175 10.61 12.39 -2.54
C TYR A 175 10.30 12.87 -1.13
N ALA A 176 10.34 14.19 -0.89
CA ALA A 176 10.19 14.73 0.45
C ALA A 176 8.96 14.22 1.25
N PRO A 177 7.75 14.19 0.64
CA PRO A 177 6.60 13.72 1.43
C PRO A 177 6.69 12.25 1.82
N PHE A 178 7.35 11.45 1.00
CA PHE A 178 7.47 10.04 1.27
C PHE A 178 8.56 9.73 2.29
N ILE A 179 9.72 10.39 2.18
CA ILE A 179 10.75 10.23 3.20
C ILE A 179 10.25 10.77 4.55
N GLU A 180 9.48 11.85 4.51
CA GLU A 180 8.88 12.45 5.70
C GLU A 180 8.03 11.43 6.46
N ARG A 181 7.34 10.56 5.74
CA ARG A 181 6.47 9.57 6.37
C ARG A 181 7.23 8.29 6.70
N PHE A 182 8.09 7.85 5.79
CA PHE A 182 8.77 6.56 5.97
C PHE A 182 9.80 6.62 7.10
N GLN A 183 10.46 7.76 7.25
CA GLN A 183 11.51 7.86 8.27
C GLN A 183 11.01 7.56 9.70
N PRO A 184 10.00 8.31 10.19
CA PRO A 184 9.54 8.03 11.55
C PRO A 184 8.85 6.67 11.67
N ALA A 185 8.19 6.21 10.60
CA ALA A 185 7.50 4.93 10.68
C ALA A 185 8.48 3.77 10.77
N LEU A 186 9.58 3.83 10.03
CA LEU A 186 10.60 2.80 10.12
C LEU A 186 11.25 2.81 11.51
N LEU A 187 11.45 4.00 12.06
CA LEU A 187 12.02 4.09 13.39
C LEU A 187 11.08 3.46 14.43
N GLU A 188 9.79 3.76 14.33
CA GLU A 188 8.83 3.29 15.31
C GLU A 188 8.51 1.80 15.15
N PHE A 189 8.19 1.38 13.94
CA PHE A 189 7.64 0.06 13.72
C PHE A 189 8.71 -1.00 13.47
N LYS A 190 9.87 -0.58 12.96
CA LYS A 190 10.90 -1.53 12.62
C LYS A 190 12.21 -1.25 13.36
N LYS A 191 12.17 -0.27 14.27
CA LYS A 191 13.34 0.13 15.06
C LYS A 191 14.55 0.37 14.16
N TYR A 192 14.29 0.98 13.02
CA TYR A 192 15.28 1.13 11.95
C TYR A 192 15.52 2.60 11.66
N ASP A 193 16.77 3.04 11.84
CA ASP A 193 17.14 4.42 11.55
C ASP A 193 17.75 4.51 10.15
N ILE A 194 17.00 5.10 9.22
CA ILE A 194 17.46 5.18 7.84
C ILE A 194 18.76 5.97 7.66
N THR A 195 19.07 6.86 8.60
CA THR A 195 20.28 7.68 8.48
C THR A 195 21.55 6.92 8.86
N ALA A 196 21.39 5.79 9.56
CA ALA A 196 22.55 5.03 10.01
C ALA A 196 23.31 4.45 8.81
N GLY A 197 24.55 4.91 8.63
CA GLY A 197 25.36 4.46 7.52
C GLY A 197 25.07 5.15 6.20
N ARG A 198 24.22 6.18 6.24
CA ARG A 198 23.79 6.87 5.02
C ARG A 198 23.96 8.38 5.18
N PRO A 199 25.20 8.84 5.14
CA PRO A 199 25.50 10.26 5.43
C PRO A 199 24.94 11.25 4.40
N LYS A 200 24.88 10.88 3.13
CA LYS A 200 24.34 11.78 2.12
C LYS A 200 22.84 11.95 2.34
N LEU A 201 22.16 10.87 2.68
CA LEU A 201 20.75 10.92 3.00
C LEU A 201 20.50 11.73 4.26
N ALA A 202 21.31 11.52 5.29
CA ALA A 202 21.17 12.30 6.52
C ALA A 202 21.30 13.79 6.21
N ALA A 203 22.29 14.14 5.38
CA ALA A 203 22.49 15.53 4.98
C ALA A 203 21.31 16.07 4.16
N TRP A 204 20.78 15.25 3.26
CA TRP A 204 19.64 15.62 2.44
C TRP A 204 18.44 15.97 3.33
N ILE A 205 18.18 15.14 4.34
CA ILE A 205 17.08 15.39 5.25
C ILE A 205 17.30 16.70 5.99
N GLU A 206 18.53 16.93 6.47
CA GLU A 206 18.83 18.18 7.16
CA GLU A 206 18.89 18.18 7.14
C GLU A 206 18.64 19.40 6.25
N GLU A 207 19.05 19.28 4.99
CA GLU A 207 18.92 20.40 4.08
C GLU A 207 17.47 20.66 3.66
N MET A 208 16.71 19.58 3.48
N MET A 208 16.71 19.59 3.47
CA MET A 208 15.28 19.70 3.15
CA MET A 208 15.28 19.74 3.18
C MET A 208 14.54 20.39 4.31
C MET A 208 14.57 20.45 4.32
N ASN A 209 14.94 20.08 5.54
CA ASN A 209 14.29 20.68 6.70
C ASN A 209 14.60 22.15 6.91
N LYS A 210 15.56 22.68 6.15
CA LYS A 210 15.86 24.11 6.21
C LYS A 210 15.01 24.88 5.20
N VAL A 211 14.31 24.17 4.35
CA VAL A 211 13.52 24.81 3.31
C VAL A 211 12.14 25.14 3.86
N GLU A 212 11.92 26.42 4.15
CA GLU A 212 10.71 26.86 4.81
C GLU A 212 9.45 26.57 4.00
N ALA A 213 9.56 26.69 2.67
CA ALA A 213 8.43 26.42 1.79
C ALA A 213 7.95 24.97 1.93
N TYR A 214 8.90 24.07 2.19
CA TYR A 214 8.56 22.67 2.43
C TYR A 214 8.01 22.48 3.84
N ASN A 215 8.68 23.06 4.83
CA ASN A 215 8.22 22.95 6.22
C ASN A 215 6.78 23.41 6.40
N GLN A 216 6.39 24.42 5.64
CA GLN A 216 5.03 24.95 5.75
C GLN A 216 3.96 23.98 5.26
N THR A 217 4.36 22.97 4.51
CA THR A 217 3.37 21.98 4.03
C THR A 217 3.17 20.90 5.07
N ARG A 218 3.89 21.02 6.17
CA ARG A 218 3.66 20.18 7.33
CA ARG A 218 3.65 20.18 7.33
C ARG A 218 2.70 20.90 8.28
N HIS A 219 2.34 22.14 7.92
CA HIS A 219 1.39 22.95 8.70
C HIS A 219 -0.03 22.43 8.52
N GLU A 220 -0.94 22.91 9.36
CA GLU A 220 -2.34 22.51 9.33
C GLU A 220 -3.23 23.65 9.83
N PRO A 221 -4.52 23.63 9.46
CA PRO A 221 -5.43 24.67 9.96
C PRO A 221 -5.79 24.46 11.42
N GLU B 8 4.53 -32.60 7.85
CA GLU B 8 4.95 -31.92 6.63
C GLU B 8 6.26 -31.17 6.81
N VAL B 9 7.24 -31.48 5.96
CA VAL B 9 8.50 -30.74 5.93
C VAL B 9 8.38 -29.61 4.91
N LEU B 10 8.55 -28.38 5.39
CA LEU B 10 8.42 -27.20 4.52
C LEU B 10 9.68 -26.95 3.71
N PRO B 11 9.52 -26.69 2.41
CA PRO B 11 10.66 -26.58 1.49
C PRO B 11 11.44 -25.27 1.67
N PRO B 12 12.71 -25.27 1.27
CA PRO B 12 13.54 -24.06 1.37
C PRO B 12 13.07 -22.96 0.43
N VAL B 13 13.37 -21.72 0.77
CA VAL B 13 12.99 -20.59 -0.06
C VAL B 13 13.86 -20.51 -1.31
N LEU B 14 13.23 -20.28 -2.46
CA LEU B 14 13.93 -20.14 -3.74
C LEU B 14 14.31 -18.68 -3.99
N THR B 15 15.56 -18.46 -4.39
CA THR B 15 16.06 -17.13 -4.64
C THR B 15 16.51 -16.93 -6.08
N SER B 16 17.18 -15.83 -6.36
CA SER B 16 17.65 -15.56 -7.71
C SER B 16 18.65 -16.61 -8.18
N ASN B 17 19.24 -17.33 -7.23
CA ASN B 17 20.21 -18.37 -7.56
C ASN B 17 19.60 -19.74 -7.82
N SER B 18 18.28 -19.83 -7.68
N SER B 18 18.28 -19.83 -7.69
CA SER B 18 17.59 -21.12 -7.76
CA SER B 18 17.60 -21.12 -7.75
C SER B 18 17.26 -21.54 -9.18
C SER B 18 17.22 -21.54 -9.16
N GLU B 19 17.41 -22.83 -9.44
CA GLU B 19 16.96 -23.44 -10.68
C GLU B 19 15.44 -23.58 -10.56
N PRO B 20 14.72 -23.38 -11.67
CA PRO B 20 13.26 -23.58 -11.61
C PRO B 20 12.89 -25.06 -11.50
N PRO B 21 11.76 -25.36 -10.83
CA PRO B 21 11.24 -26.72 -10.80
C PRO B 21 10.85 -27.16 -12.22
N PRO B 22 10.59 -28.47 -12.40
CA PRO B 22 10.13 -28.97 -13.70
C PRO B 22 8.71 -28.49 -13.98
N VAL B 23 8.56 -27.21 -14.32
CA VAL B 23 7.24 -26.62 -14.51
C VAL B 23 6.48 -27.32 -15.63
N PHE B 24 5.18 -27.49 -15.41
CA PHE B 24 4.28 -28.12 -16.36
C PHE B 24 4.58 -29.60 -16.62
N ASP B 25 5.06 -30.29 -15.59
CA ASP B 25 5.28 -31.74 -15.67
C ASP B 25 4.07 -32.50 -15.14
N GLY B 26 3.03 -31.78 -14.77
CA GLY B 26 1.81 -32.39 -14.28
C GLY B 26 1.60 -32.27 -12.78
N THR B 27 2.66 -31.90 -12.07
CA THR B 27 2.59 -31.70 -10.63
C THR B 27 1.82 -30.42 -10.34
N THR B 28 0.98 -30.45 -9.31
CA THR B 28 0.27 -29.26 -8.87
C THR B 28 1.18 -28.49 -7.91
N ARG B 29 1.42 -27.21 -8.21
CA ARG B 29 2.34 -26.40 -7.42
C ARG B 29 1.70 -25.09 -6.98
N LEU B 30 1.87 -24.75 -5.71
CA LEU B 30 1.36 -23.49 -5.17
C LEU B 30 2.54 -22.62 -4.84
N TYR B 31 2.69 -21.54 -5.60
CA TYR B 31 3.80 -20.60 -5.42
C TYR B 31 3.42 -19.60 -4.36
N ILE B 32 4.22 -19.54 -3.31
CA ILE B 32 3.92 -18.67 -2.18
C ILE B 32 5.15 -17.88 -1.75
N SER B 33 4.93 -16.99 -0.79
CA SER B 33 6.01 -16.52 0.06
C SER B 33 5.57 -16.80 1.48
N TYR B 34 6.49 -17.24 2.32
CA TYR B 34 6.16 -17.53 3.72
C TYR B 34 5.68 -16.30 4.49
N THR B 35 5.98 -15.10 3.99
CA THR B 35 5.55 -13.88 4.68
C THR B 35 4.44 -13.12 3.96
N CYS B 36 3.79 -13.76 3.00
CA CYS B 36 2.71 -13.12 2.26
C CYS B 36 1.34 -13.59 2.75
N PRO B 37 0.54 -12.67 3.31
CA PRO B 37 -0.76 -13.11 3.83
C PRO B 37 -1.72 -13.55 2.73
N TYR B 38 -1.58 -13.00 1.52
CA TYR B 38 -2.42 -13.43 0.41
C TYR B 38 -2.13 -14.90 0.09
N ALA B 39 -0.85 -15.25 0.05
CA ALA B 39 -0.45 -16.63 -0.20
C ALA B 39 -0.88 -17.55 0.94
N GLN B 40 -0.82 -17.03 2.16
CA GLN B 40 -1.19 -17.81 3.33
C GLN B 40 -2.64 -18.25 3.22
N ARG B 41 -3.51 -17.40 2.66
CA ARG B 41 -4.92 -17.79 2.46
C ARG B 41 -5.01 -19.10 1.70
N VAL B 42 -4.21 -19.21 0.65
CA VAL B 42 -4.31 -20.36 -0.24
C VAL B 42 -3.68 -21.60 0.40
N TRP B 43 -2.58 -21.40 1.13
CA TRP B 43 -1.94 -22.46 1.88
C TRP B 43 -2.88 -23.02 2.95
N ILE B 44 -3.59 -22.14 3.66
CA ILE B 44 -4.57 -22.58 4.65
C ILE B 44 -5.64 -23.42 4.00
N THR B 45 -6.13 -22.99 2.83
CA THR B 45 -7.19 -23.71 2.13
C THR B 45 -6.73 -25.12 1.77
N ARG B 46 -5.53 -25.22 1.21
CA ARG B 46 -4.89 -26.50 0.91
C ARG B 46 -4.89 -27.40 2.12
N ASN B 47 -4.42 -26.88 3.26
CA ASN B 47 -4.31 -27.69 4.46
C ASN B 47 -5.68 -28.12 5.00
N CYS B 48 -6.63 -27.19 5.01
CA CYS B 48 -7.96 -27.46 5.55
C CYS B 48 -8.66 -28.54 4.75
N LYS B 49 -8.32 -28.68 3.48
CA LYS B 49 -8.93 -29.73 2.66
C LYS B 49 -8.13 -31.01 2.61
N GLY B 50 -7.01 -31.06 3.34
CA GLY B 50 -6.16 -32.24 3.40
C GLY B 50 -5.39 -32.49 2.12
N LEU B 51 -4.98 -31.41 1.45
CA LEU B 51 -4.38 -31.52 0.13
C LEU B 51 -2.86 -31.39 0.12
N GLN B 52 -2.24 -31.63 1.26
CA GLN B 52 -0.80 -31.41 1.37
C GLN B 52 0.02 -32.27 0.42
N ASP B 53 -0.40 -33.51 0.19
CA ASP B 53 0.35 -34.39 -0.71
C ASP B 53 0.15 -34.03 -2.17
N LYS B 54 -1.02 -33.48 -2.49
CA LYS B 54 -1.40 -33.17 -3.87
C LYS B 54 -0.88 -31.83 -4.34
N ILE B 55 -0.80 -30.86 -3.44
CA ILE B 55 -0.37 -29.52 -3.83
C ILE B 55 0.98 -29.22 -3.21
N LYS B 56 2.03 -29.16 -4.03
CA LYS B 56 3.37 -28.90 -3.54
C LYS B 56 3.59 -27.39 -3.33
N LEU B 57 4.18 -27.02 -2.20
CA LEU B 57 4.52 -25.62 -1.94
C LEU B 57 5.84 -25.24 -2.62
N VAL B 58 5.84 -24.07 -3.26
CA VAL B 58 7.06 -23.53 -3.83
C VAL B 58 7.23 -22.10 -3.31
N PRO B 59 7.98 -21.95 -2.20
CA PRO B 59 8.16 -20.64 -1.57
C PRO B 59 9.27 -19.86 -2.25
N ILE B 60 8.99 -18.60 -2.57
CA ILE B 60 10.02 -17.77 -3.17
C ILE B 60 10.31 -16.58 -2.27
N ASP B 61 11.52 -16.04 -2.40
CA ASP B 61 11.94 -14.88 -1.63
C ASP B 61 11.55 -13.63 -2.40
N LEU B 62 10.66 -12.83 -1.85
CA LEU B 62 10.17 -11.66 -2.59
C LEU B 62 11.23 -10.58 -2.86
N GLN B 63 12.22 -10.46 -1.99
CA GLN B 63 13.25 -9.45 -2.22
C GLN B 63 14.35 -9.94 -3.16
N ASP B 64 14.67 -11.23 -3.06
CA ASP B 64 15.69 -11.82 -3.89
C ASP B 64 15.03 -12.93 -4.71
N ARG B 65 14.14 -12.56 -5.62
CA ARG B 65 13.34 -13.58 -6.29
C ARG B 65 13.95 -14.09 -7.58
N PRO B 66 13.67 -15.34 -7.92
CA PRO B 66 14.18 -15.90 -9.18
C PRO B 66 13.51 -15.24 -10.36
N ALA B 67 14.30 -14.89 -11.38
CA ALA B 67 13.76 -14.25 -12.57
C ALA B 67 12.84 -15.20 -13.32
N TRP B 68 13.08 -16.50 -13.18
CA TRP B 68 12.24 -17.48 -13.86
C TRP B 68 10.78 -17.45 -13.42
N TYR B 69 10.51 -16.90 -12.24
CA TYR B 69 9.11 -16.89 -11.79
C TYR B 69 8.22 -16.09 -12.74
N LYS B 70 8.58 -14.83 -13.00
CA LYS B 70 7.77 -14.03 -13.91
C LYS B 70 7.93 -14.50 -15.37
N GLU B 71 9.07 -15.11 -15.69
CA GLU B 71 9.37 -15.49 -17.06
C GLU B 71 8.74 -16.82 -17.47
N LYS B 72 8.73 -17.78 -16.56
CA LYS B 72 8.29 -19.14 -16.89
C LYS B 72 6.96 -19.53 -16.26
N VAL B 73 6.61 -18.89 -15.16
CA VAL B 73 5.48 -19.37 -14.36
C VAL B 73 4.30 -18.40 -14.35
N TYR B 74 4.54 -17.16 -13.92
CA TYR B 74 3.45 -16.25 -13.64
C TYR B 74 3.88 -14.81 -13.94
N PRO B 75 3.61 -14.34 -15.16
CA PRO B 75 4.06 -13.01 -15.58
C PRO B 75 3.69 -11.81 -14.67
N PRO B 76 2.52 -11.83 -14.00
CA PRO B 76 2.27 -10.69 -13.12
C PRO B 76 3.28 -10.56 -11.98
N ASN B 77 4.07 -11.61 -11.73
CA ASN B 77 5.19 -11.53 -10.79
C ASN B 77 4.73 -11.20 -9.38
N LYS B 78 3.65 -11.84 -8.94
CA LYS B 78 3.20 -11.76 -7.57
C LYS B 78 2.90 -13.17 -7.07
N VAL B 79 2.86 -13.34 -5.76
CA VAL B 79 2.36 -14.57 -5.15
C VAL B 79 1.06 -14.24 -4.41
N PRO B 80 0.14 -15.23 -4.31
CA PRO B 80 0.25 -16.62 -4.74
C PRO B 80 -0.10 -16.84 -6.21
N SER B 81 0.40 -17.94 -6.76
CA SER B 81 -0.14 -18.46 -8.00
C SER B 81 -0.20 -19.97 -7.90
N LEU B 82 -1.08 -20.57 -8.68
CA LEU B 82 -1.32 -22.01 -8.61
C LEU B 82 -1.14 -22.61 -9.98
N GLU B 83 -0.24 -23.57 -10.08
CA GLU B 83 -0.01 -24.33 -11.29
C GLU B 83 -0.80 -25.62 -11.17
N HIS B 84 -1.85 -25.76 -11.98
CA HIS B 84 -2.71 -26.92 -11.89
C HIS B 84 -3.22 -27.27 -13.28
N ASN B 85 -3.12 -28.55 -13.62
CA ASN B 85 -3.47 -29.03 -14.95
C ASN B 85 -2.87 -28.18 -16.07
N ASN B 86 -1.57 -27.91 -15.93
CA ASN B 86 -0.78 -27.19 -16.93
C ASN B 86 -1.24 -25.77 -17.23
N GLU B 87 -1.87 -25.14 -16.25
CA GLU B 87 -2.20 -23.71 -16.34
C GLU B 87 -1.85 -23.04 -15.01
N VAL B 88 -1.36 -21.81 -15.07
CA VAL B 88 -1.04 -21.07 -13.85
C VAL B 88 -2.00 -19.92 -13.70
N LYS B 89 -2.60 -19.80 -12.51
CA LYS B 89 -3.55 -18.74 -12.23
C LYS B 89 -3.21 -18.06 -10.92
N GLY B 90 -3.57 -16.78 -10.82
CA GLY B 90 -3.32 -16.00 -9.61
C GLY B 90 -4.58 -15.50 -8.95
N GLU B 91 -4.38 -14.57 -8.01
CA GLU B 91 -5.44 -13.91 -7.22
C GLU B 91 -5.94 -14.80 -6.11
N SER B 92 -5.47 -14.51 -4.90
CA SER B 92 -5.73 -15.36 -3.75
C SER B 92 -7.21 -15.67 -3.52
N LEU B 93 -8.09 -14.70 -3.68
CA LEU B 93 -9.51 -14.95 -3.47
C LEU B 93 -10.08 -15.89 -4.53
N ASP B 94 -9.63 -15.73 -5.77
CA ASP B 94 -10.03 -16.66 -6.83
C ASP B 94 -9.48 -18.05 -6.54
N LEU B 95 -8.24 -18.12 -6.05
CA LEU B 95 -7.58 -19.39 -5.83
C LEU B 95 -8.19 -20.21 -4.70
N ILE B 96 -8.59 -19.56 -3.62
CA ILE B 96 -9.19 -20.34 -2.53
C ILE B 96 -10.53 -20.92 -2.98
N LYS B 97 -11.27 -20.17 -3.79
CA LYS B 97 -12.52 -20.68 -4.35
C LYS B 97 -12.24 -21.82 -5.31
N TYR B 98 -11.21 -21.66 -6.13
CA TYR B 98 -10.84 -22.67 -7.12
C TYR B 98 -10.44 -23.99 -6.46
N ILE B 99 -9.54 -23.91 -5.48
CA ILE B 99 -9.09 -25.12 -4.80
C ILE B 99 -10.28 -25.79 -4.11
N ASP B 100 -11.14 -24.98 -3.51
CA ASP B 100 -12.30 -25.53 -2.82
C ASP B 100 -13.22 -26.31 -3.77
N SER B 101 -13.32 -25.87 -5.02
N SER B 101 -13.31 -25.88 -5.02
CA SER B 101 -14.26 -26.47 -5.96
CA SER B 101 -14.26 -26.46 -5.97
C SER B 101 -13.62 -27.41 -6.98
C SER B 101 -13.62 -27.43 -6.95
N HIS B 102 -12.32 -27.68 -6.84
CA HIS B 102 -11.62 -28.54 -7.80
C HIS B 102 -10.84 -29.68 -7.18
N PHE B 103 -10.96 -29.82 -5.86
CA PHE B 103 -10.26 -30.84 -5.14
C PHE B 103 -11.19 -31.47 -4.11
N ASP B 104 -10.83 -32.67 -3.68
CA ASP B 104 -11.57 -33.38 -2.65
C ASP B 104 -11.26 -32.77 -1.28
N GLY B 105 -11.93 -33.30 -0.25
CA GLY B 105 -11.87 -32.77 1.09
C GLY B 105 -13.14 -32.03 1.43
N PRO B 106 -13.29 -31.62 2.69
CA PRO B 106 -14.52 -30.95 3.12
C PRO B 106 -14.77 -29.68 2.31
N SER B 107 -16.03 -29.40 2.01
CA SER B 107 -16.40 -28.16 1.33
C SER B 107 -16.25 -26.99 2.29
N LEU B 108 -15.61 -25.94 1.79
CA LEU B 108 -15.37 -24.75 2.60
C LEU B 108 -16.26 -23.58 2.18
N PHE B 109 -17.36 -23.88 1.50
CA PHE B 109 -18.27 -22.82 1.08
C PHE B 109 -19.70 -23.34 1.11
N PRO B 110 -20.59 -22.60 1.79
CA PRO B 110 -21.96 -23.11 1.95
C PRO B 110 -22.79 -22.91 0.70
N ASP B 111 -23.89 -23.65 0.63
N ASP B 111 -23.91 -23.62 0.65
CA ASP B 111 -24.78 -23.59 -0.53
CA ASP B 111 -24.81 -23.59 -0.49
C ASP B 111 -25.90 -22.55 -0.35
C ASP B 111 -25.85 -22.50 -0.35
N ASP B 112 -26.17 -22.17 0.90
CA ASP B 112 -27.25 -21.24 1.19
C ASP B 112 -27.04 -19.90 0.50
N PRO B 113 -27.99 -19.47 -0.35
CA PRO B 113 -27.80 -18.23 -1.11
C PRO B 113 -27.57 -17.01 -0.23
N ALA B 114 -28.24 -16.91 0.92
CA ALA B 114 -28.04 -15.75 1.78
C ALA B 114 -26.62 -15.72 2.34
N LYS B 115 -26.09 -16.89 2.68
CA LYS B 115 -24.73 -16.95 3.18
C LYS B 115 -23.74 -16.62 2.08
N LYS B 116 -24.02 -17.09 0.88
N LYS B 116 -24.02 -17.07 0.86
CA LYS B 116 -23.16 -16.81 -0.27
CA LYS B 116 -23.13 -16.79 -0.25
C LYS B 116 -23.10 -15.30 -0.51
C LYS B 116 -23.11 -15.30 -0.58
N GLU B 117 -24.26 -14.65 -0.49
CA GLU B 117 -24.34 -13.22 -0.74
C GLU B 117 -23.55 -12.46 0.31
N PHE B 118 -23.70 -12.87 1.56
CA PHE B 118 -22.98 -12.22 2.66
C PHE B 118 -21.47 -12.44 2.51
N ALA B 119 -21.08 -13.64 2.11
CA ALA B 119 -19.69 -13.96 1.89
C ALA B 119 -19.10 -13.02 0.85
N GLU B 120 -19.85 -12.75 -0.21
CA GLU B 120 -19.36 -11.86 -1.25
C GLU B 120 -19.16 -10.44 -0.72
N ASP B 121 -20.03 -10.00 0.19
N ASP B 121 -20.01 -10.02 0.20
CA ASP B 121 -19.84 -8.69 0.82
CA ASP B 121 -19.86 -8.70 0.82
C ASP B 121 -18.51 -8.70 1.55
C ASP B 121 -18.62 -8.63 1.70
N LEU B 122 -18.28 -9.74 2.33
CA LEU B 122 -17.07 -9.82 3.13
C LEU B 122 -15.80 -9.98 2.29
N PHE B 123 -15.87 -10.72 1.20
CA PHE B 123 -14.74 -10.80 0.28
C PHE B 123 -14.45 -9.42 -0.31
N SER B 124 -15.50 -8.69 -0.67
CA SER B 124 -15.34 -7.35 -1.24
C SER B 124 -14.77 -6.38 -0.22
N TYR B 125 -15.04 -6.63 1.06
CA TYR B 125 -14.55 -5.74 2.11
C TYR B 125 -13.07 -5.95 2.43
N THR B 126 -12.48 -7.07 2.01
CA THR B 126 -11.11 -7.38 2.39
C THR B 126 -10.11 -6.26 2.07
N GLY B 127 -10.24 -5.67 0.89
CA GLY B 127 -9.38 -4.55 0.52
C GLY B 127 -9.50 -3.36 1.45
N SER B 128 -10.73 -2.99 1.78
CA SER B 128 -10.98 -1.87 2.70
C SER B 128 -10.49 -2.16 4.11
N PHE B 129 -10.60 -3.41 4.54
CA PHE B 129 -10.15 -3.82 5.85
C PHE B 129 -8.63 -3.64 5.94
N SER B 130 -7.92 -4.03 4.89
CA SER B 130 -6.48 -3.84 4.84
C SER B 130 -6.12 -2.38 4.84
N LYS B 131 -6.82 -1.60 4.02
CA LYS B 131 -6.52 -0.17 3.91
C LYS B 131 -6.70 0.52 5.26
N ALA B 132 -7.76 0.15 5.98
CA ALA B 132 -8.01 0.71 7.30
C ALA B 132 -6.87 0.41 8.27
N ASN B 133 -6.27 -0.77 8.12
CA ASN B 133 -5.19 -1.24 9.00
C ASN B 133 -3.76 -0.97 8.52
N ASN B 134 -3.52 -1.08 7.21
CA ASN B 134 -2.19 -0.79 6.67
C ASN B 134 -1.76 0.62 6.98
N SER B 135 -2.72 1.54 7.00
CA SER B 135 -2.44 2.94 7.23
C SER B 135 -1.85 3.14 8.61
N THR B 136 -2.39 2.39 9.58
CA THR B 136 -1.91 2.45 10.96
C THR B 136 -0.43 2.10 11.00
N PHE B 137 -0.07 1.02 10.32
CA PHE B 137 1.27 0.44 10.43
C PHE B 137 2.29 1.06 9.48
N LYS B 138 1.89 2.10 8.75
CA LYS B 138 2.83 2.95 8.05
C LYS B 138 2.84 4.32 8.75
N GLY B 139 2.20 4.37 9.92
CA GLY B 139 2.20 5.56 10.75
C GLY B 139 1.32 6.67 10.22
N GLU B 140 0.41 6.33 9.32
CA GLU B 140 -0.44 7.34 8.67
C GLU B 140 -1.90 7.22 9.08
N GLU B 143 -9.60 4.54 12.77
CA GLU B 143 -10.07 3.90 11.56
C GLU B 143 -10.05 2.38 11.70
N ALA B 144 -9.02 1.89 12.38
CA ALA B 144 -8.87 0.47 12.65
C ALA B 144 -10.04 0.00 13.52
N GLY B 145 -10.38 0.77 14.54
CA GLY B 145 -11.48 0.43 15.43
C GLY B 145 -12.78 0.23 14.68
N ALA B 146 -13.07 1.14 13.75
CA ALA B 146 -14.30 1.07 12.95
C ALA B 146 -14.29 -0.18 12.08
N ALA B 147 -13.10 -0.55 11.61
CA ALA B 147 -12.95 -1.74 10.79
C ALA B 147 -13.26 -3.00 11.60
N PHE B 148 -12.74 -3.06 12.82
CA PHE B 148 -13.02 -4.22 13.66
C PHE B 148 -14.45 -4.22 14.18
N ASP B 149 -15.08 -3.06 14.24
CA ASP B 149 -16.50 -2.99 14.54
C ASP B 149 -17.29 -3.67 13.42
N TYR B 150 -16.86 -3.44 12.17
CA TYR B 150 -17.54 -4.07 11.04
C TYR B 150 -17.43 -5.57 11.15
N ILE B 151 -16.25 -6.05 11.54
CA ILE B 151 -16.03 -7.48 11.72
C ILE B 151 -16.92 -8.05 12.82
N GLU B 152 -16.97 -7.36 13.96
CA GLU B 152 -17.79 -7.81 15.08
C GLU B 152 -19.26 -7.88 14.68
N THR B 153 -19.73 -6.87 13.95
CA THR B 153 -21.11 -6.87 13.50
C THR B 153 -21.35 -8.01 12.50
N ALA B 154 -20.39 -8.24 11.61
CA ALA B 154 -20.52 -9.30 10.63
C ALA B 154 -20.65 -10.66 11.31
N LEU B 155 -19.92 -10.85 12.41
CA LEU B 155 -19.96 -12.10 13.15
C LEU B 155 -21.29 -12.31 13.86
N SER B 156 -22.12 -11.27 13.91
N SER B 156 -22.12 -11.28 13.93
CA SER B 156 -23.43 -11.36 14.55
CA SER B 156 -23.43 -11.41 14.57
C SER B 156 -24.51 -11.82 13.59
C SER B 156 -24.52 -11.84 13.59
N LYS B 157 -24.19 -11.89 12.30
CA LYS B 157 -25.17 -12.19 11.27
C LYS B 157 -25.73 -13.61 11.35
N PHE B 158 -24.84 -14.60 11.44
CA PHE B 158 -25.24 -16.01 11.42
C PHE B 158 -24.92 -16.72 12.74
N ASP B 159 -25.96 -17.20 13.42
CA ASP B 159 -25.84 -17.77 14.75
C ASP B 159 -25.61 -19.27 14.76
N ASP B 160 -25.31 -19.86 13.60
CA ASP B 160 -25.14 -21.32 13.56
C ASP B 160 -23.70 -21.78 13.70
N GLY B 161 -22.83 -20.86 14.12
CA GLY B 161 -21.45 -21.18 14.40
C GLY B 161 -20.72 -19.90 14.76
N PRO B 162 -19.43 -20.02 15.12
CA PRO B 162 -18.65 -18.86 15.58
C PRO B 162 -17.93 -18.15 14.45
N PHE B 163 -18.14 -18.61 13.23
CA PHE B 163 -17.42 -18.07 12.08
C PHE B 163 -18.28 -17.11 11.25
N PHE B 164 -17.71 -16.50 10.22
CA PHE B 164 -18.44 -15.45 9.49
C PHE B 164 -19.76 -15.93 8.90
N LEU B 165 -19.76 -17.15 8.35
CA LEU B 165 -20.97 -17.72 7.77
C LEU B 165 -21.57 -18.76 8.69
N GLY B 166 -21.34 -18.59 10.00
CA GLY B 166 -21.75 -19.59 10.97
C GLY B 166 -20.70 -20.68 11.04
N GLN B 167 -20.85 -21.70 10.22
CA GLN B 167 -19.85 -22.75 10.07
CA GLN B 167 -19.80 -22.71 10.17
C GLN B 167 -18.63 -22.22 9.32
N PHE B 168 -17.45 -22.82 9.58
CA PHE B 168 -16.17 -22.44 8.99
C PHE B 168 -16.23 -22.42 7.47
N SER B 169 -15.60 -21.42 6.87
CA SER B 169 -15.60 -21.26 5.42
C SER B 169 -14.39 -20.50 4.89
N LEU B 170 -14.35 -20.38 3.58
CA LEU B 170 -13.32 -19.60 2.92
C LEU B 170 -13.27 -18.16 3.42
N VAL B 171 -14.37 -17.63 3.94
CA VAL B 171 -14.35 -16.24 4.43
C VAL B 171 -13.43 -16.11 5.64
N ASP B 172 -13.49 -17.07 6.55
CA ASP B 172 -12.60 -17.04 7.72
C ASP B 172 -11.15 -17.16 7.30
N ILE B 173 -10.90 -18.07 6.36
CA ILE B 173 -9.57 -18.27 5.80
C ILE B 173 -9.05 -16.98 5.15
N ALA B 174 -9.92 -16.25 4.46
CA ALA B 174 -9.52 -15.01 3.81
C ALA B 174 -9.00 -13.99 4.82
N TYR B 175 -9.67 -13.88 5.97
CA TYR B 175 -9.32 -12.88 6.98
C TYR B 175 -8.22 -13.29 7.94
N ALA B 176 -8.04 -14.58 8.17
CA ALA B 176 -7.11 -15.05 9.19
C ALA B 176 -5.68 -14.51 9.04
N PRO B 177 -5.10 -14.54 7.83
CA PRO B 177 -3.73 -14.02 7.74
C PRO B 177 -3.61 -12.53 8.07
N PHE B 178 -4.68 -11.78 7.87
CA PHE B 178 -4.63 -10.35 8.13
C PHE B 178 -4.88 -10.01 9.59
N ILE B 179 -5.86 -10.63 10.20
CA ILE B 179 -6.10 -10.42 11.62
C ILE B 179 -4.89 -10.90 12.43
N GLU B 180 -4.27 -11.99 11.97
CA GLU B 180 -3.07 -12.54 12.59
C GLU B 180 -1.92 -11.52 12.70
N ARG B 181 -1.85 -10.63 11.71
CA ARG B 181 -0.81 -9.60 11.65
C ARG B 181 -1.25 -8.32 12.34
N PHE B 182 -2.49 -7.91 12.11
CA PHE B 182 -2.97 -6.66 12.68
C PHE B 182 -3.11 -6.70 14.21
N GLN B 183 -3.55 -7.83 14.75
CA GLN B 183 -3.78 -7.92 16.20
C GLN B 183 -2.54 -7.63 17.05
N PRO B 184 -1.43 -8.36 16.85
CA PRO B 184 -0.27 -8.06 17.68
C PRO B 184 0.34 -6.69 17.39
N ALA B 185 0.24 -6.22 16.15
CA ALA B 185 0.79 -4.93 15.79
C ALA B 185 0.05 -3.79 16.49
N LEU B 186 -1.28 -3.88 16.53
CA LEU B 186 -2.09 -2.88 17.21
C LEU B 186 -1.81 -2.88 18.71
N LEU B 187 -1.57 -4.05 19.28
CA LEU B 187 -1.27 -4.16 20.70
C LEU B 187 0.10 -3.57 21.03
N GLU B 188 1.11 -3.93 20.25
CA GLU B 188 2.47 -3.44 20.50
C GLU B 188 2.62 -1.93 20.28
N PHE B 189 2.13 -1.45 19.14
CA PHE B 189 2.44 -0.09 18.71
C PHE B 189 1.36 0.93 19.02
N LYS B 190 0.12 0.48 19.20
CA LYS B 190 -0.96 1.39 19.50
C LYS B 190 -1.56 1.14 20.88
N LYS B 191 -1.05 0.12 21.57
CA LYS B 191 -1.58 -0.29 22.87
C LYS B 191 -3.10 -0.49 22.75
N TYR B 192 -3.52 -1.03 21.61
CA TYR B 192 -4.93 -1.19 21.31
C TYR B 192 -5.26 -2.67 21.21
N ASP B 193 -6.19 -3.11 22.05
CA ASP B 193 -6.62 -4.50 22.09
C ASP B 193 -7.91 -4.64 21.29
N ILE B 194 -7.81 -5.27 20.13
CA ILE B 194 -8.98 -5.41 19.26
C ILE B 194 -10.12 -6.21 19.87
N THR B 195 -9.81 -7.06 20.84
CA THR B 195 -10.85 -7.90 21.45
C THR B 195 -11.66 -7.15 22.49
N ALA B 196 -11.13 -6.03 22.98
CA ALA B 196 -11.84 -5.27 24.01
C ALA B 196 -13.19 -4.79 23.49
N GLY B 197 -14.26 -5.27 24.10
CA GLY B 197 -15.61 -4.91 23.71
C GLY B 197 -16.08 -5.60 22.45
N ARG B 198 -15.31 -6.57 21.98
CA ARG B 198 -15.67 -7.34 20.77
C ARG B 198 -15.60 -8.84 21.03
N PRO B 199 -16.59 -9.36 21.78
CA PRO B 199 -16.55 -10.77 22.20
C PRO B 199 -16.65 -11.77 21.06
N LYS B 200 -17.39 -11.44 20.01
CA LYS B 200 -17.52 -12.39 18.90
C LYS B 200 -16.19 -12.50 18.13
N LEU B 201 -15.48 -11.38 18.02
CA LEU B 201 -14.15 -11.37 17.43
C LEU B 201 -13.16 -12.13 18.30
N ALA B 202 -13.24 -11.91 19.60
CA ALA B 202 -12.36 -12.63 20.53
C ALA B 202 -12.58 -14.13 20.38
N ALA B 203 -13.84 -14.55 20.29
CA ALA B 203 -14.16 -15.95 20.15
C ALA B 203 -13.69 -16.49 18.80
N TRP B 204 -13.85 -15.69 17.75
CA TRP B 204 -13.41 -16.07 16.41
C TRP B 204 -11.90 -16.35 16.39
N ILE B 205 -11.14 -15.46 17.01
CA ILE B 205 -9.70 -15.65 17.11
C ILE B 205 -9.39 -16.95 17.88
N GLU B 206 -10.07 -17.17 18.99
CA GLU B 206 -9.87 -18.40 19.75
C GLU B 206 -10.20 -19.65 18.92
N GLU B 207 -11.28 -19.58 18.16
CA GLU B 207 -11.66 -20.71 17.33
C GLU B 207 -10.69 -20.95 16.17
N MET B 208 -10.22 -19.88 15.54
CA MET B 208 -9.24 -20.05 14.47
C MET B 208 -7.97 -20.72 15.01
N ASN B 209 -7.57 -20.33 16.21
CA ASN B 209 -6.35 -20.87 16.81
C ASN B 209 -6.43 -22.33 17.22
N LYS B 210 -7.63 -22.91 17.13
CA LYS B 210 -7.80 -24.34 17.37
C LYS B 210 -7.68 -25.14 16.10
N VAL B 211 -7.64 -24.46 14.95
CA VAL B 211 -7.56 -25.12 13.67
C VAL B 211 -6.10 -25.36 13.29
N GLU B 212 -5.66 -26.61 13.44
CA GLU B 212 -4.26 -26.96 13.21
C GLU B 212 -3.82 -26.70 11.78
N ALA B 213 -4.70 -26.96 10.82
CA ALA B 213 -4.43 -26.69 9.42
C ALA B 213 -4.05 -25.23 9.19
N TYR B 214 -4.66 -24.34 9.96
CA TYR B 214 -4.30 -22.93 9.93
C TYR B 214 -3.00 -22.65 10.70
N ASN B 215 -2.90 -23.17 11.91
CA ASN B 215 -1.71 -22.93 12.74
C ASN B 215 -0.42 -23.34 12.04
N GLN B 216 -0.49 -24.41 11.25
CA GLN B 216 0.67 -24.91 10.53
C GLN B 216 1.21 -23.93 9.49
N THR B 217 0.40 -22.95 9.11
CA THR B 217 0.83 -21.97 8.11
C THR B 217 1.50 -20.75 8.74
N ARG B 218 1.62 -20.75 10.06
CA ARG B 218 2.33 -19.66 10.74
C ARG B 218 3.81 -19.98 10.85
N HIS B 219 4.53 -19.80 9.75
CA HIS B 219 5.92 -20.19 9.66
C HIS B 219 6.85 -19.00 9.43
N GLU B 220 7.82 -18.84 10.32
CA GLU B 220 8.90 -17.87 10.12
C GLU B 220 10.02 -18.53 9.34
N PRO B 221 10.41 -17.92 8.20
CA PRO B 221 11.41 -18.49 7.29
C PRO B 221 12.75 -18.73 7.96
N1 GSH C . -0.94 8.74 -8.76
N1 GSH C . -0.88 8.58 -8.87
CA1 GSH C . -1.68 9.75 -8.01
CA1 GSH C . -1.60 9.61 -8.13
C1 GSH C . -0.84 11.00 -7.93
C1 GSH C . -0.69 10.79 -8.04
O11 GSH C . 0.40 10.92 -7.99
O11 GSH C . 0.54 10.62 -8.16
O12 GSH C . -1.40 12.12 -7.81
O12 GSH C . -1.17 11.94 -7.88
CB1 GSH C . -2.03 9.20 -6.63
CB1 GSH C . -1.98 9.10 -6.73
CG1 GSH C . -2.99 10.11 -5.86
CG1 GSH C . -2.96 10.02 -6.01
CD1 GSH C . -3.51 9.40 -4.63
CD1 GSH C . -3.51 9.32 -4.78
OE1 GSH C . -3.41 7.99 -4.55
OE1 GSH C . -3.31 7.94 -4.64
N2 GSH C . -4.04 10.14 -3.66
N2 GSH C . -4.17 10.03 -3.88
CA2 GSH C . -4.88 9.53 -2.64
CA2 GSH C . -4.91 9.32 -2.84
C2 GSH C . -6.33 9.63 -3.01
C2 GSH C . -6.39 9.52 -2.99
O2 GSH C . -6.83 10.80 -3.63
O2 GSH C . -6.90 10.69 -3.56
CB2 GSH C . -4.71 10.22 -1.29
CB2 GSH C . -4.53 9.80 -1.44
SG2 GSH C . -2.99 10.56 -0.86
SG2 GSH C . -2.91 9.23 -0.88
N3 GSH C . -7.12 8.60 -2.71
N3 GSH C . -7.19 8.55 -2.55
CA3 GSH C . -8.55 8.78 -2.68
CA3 GSH C . -8.63 8.73 -2.60
C3 GSH C . -9.27 7.64 -3.37
C3 GSH C . -9.30 7.63 -3.37
O31 GSH C . -10.52 7.58 -3.36
O31 GSH C . -10.56 7.57 -3.42
O32 GSH C . -8.63 6.75 -3.97
O32 GSH C . -8.63 6.77 -3.98
N1 GSH D . -4.18 -9.34 -5.27
N1 GSH D . -4.34 -9.34 -5.23
CA1 GSH D . -3.15 -10.31 -4.99
CA1 GSH D . -3.27 -10.29 -4.99
C1 GSH D . -3.80 -11.52 -4.36
C1 GSH D . -3.88 -11.51 -4.35
O11 GSH D . -3.32 -12.66 -4.57
O11 GSH D . -3.37 -12.64 -4.56
O12 GSH D . -4.81 -11.39 -3.63
O12 GSH D . -4.88 -11.41 -3.61
CB1 GSH D . -2.10 -9.70 -4.07
CB1 GSH D . -2.21 -9.66 -4.09
CG1 GSH D . -0.88 -10.59 -3.90
CG1 GSH D . -0.96 -10.53 -4.02
CD1 GSH D . 0.31 -9.80 -3.41
CD1 GSH D . 0.19 -9.76 -3.42
OE1 GSH D . 0.26 -8.40 -3.43
OE1 GSH D . 0.04 -8.40 -3.14
N2 GSH D . 1.37 -10.47 -2.96
N2 GSH D . 1.31 -10.41 -3.15
CA2 GSH D . 2.59 -9.78 -2.60
CA2 GSH D . 2.54 -9.68 -2.85
C2 GSH D . 3.55 -9.75 -3.74
C2 GSH D . 3.57 -9.89 -3.91
O2 GSH D . 3.59 -10.80 -4.65
O2 GSH D . 3.74 -11.14 -4.52
CB2 GSH D . 3.28 -10.51 -1.45
CB2 GSH D . 3.19 -10.11 -1.54
SG2 GSH D . 2.18 -10.76 -0.03
SG2 GSH D . 2.18 -9.86 -0.05
N3 GSH D . 4.36 -8.70 -3.85
N3 GSH D . 4.33 -8.84 -4.19
CA3 GSH D . 5.52 -8.79 -4.71
CA3 GSH D . 5.53 -8.94 -4.99
C3 GSH D . 5.45 -7.85 -5.89
C3 GSH D . 5.50 -7.87 -6.06
O31 GSH D . 4.43 -7.16 -6.10
O31 GSH D . 4.49 -7.15 -6.20
O32 GSH D . 6.40 -7.79 -6.70
O32 GSH D . 6.48 -7.73 -6.84
NA NA E . -14.83 -19.54 21.35
#